data_5O9Q
#
_entry.id   5O9Q
#
_cell.length_a   49.963
_cell.length_b   70.508
_cell.length_c   150.585
_cell.angle_alpha   90.00
_cell.angle_beta   90.00
_cell.angle_gamma   90.00
#
_symmetry.space_group_name_H-M   'P 21 21 21'
#
loop_
_entity.id
_entity.type
_entity.pdbx_description
1 polymer '1,3-beta-glucanosyltransferase GAS2'
2 branched beta-D-glucopyranose-(1-3)-beta-D-glucopyranose-(1-3)-beta-D-glucopyranose
3 non-polymer (2~{R},3~{S},4~{S},5~{R},6~{S})-2-(hydroxymethyl)-6-[(2~{R},3~{R},4~{S},5~{R},6~{S})-2-(hydroxymethyl)-6-[(2~{R},3~{R},4~{S},5~{R},6~{R})-2-(hydroxymethyl)-3,5-bis(oxidanyl)-6-[4-(phenylmethoxymethyl)-1,2,3-triazol-1-yl]oxan-4-yl]oxy-3,5-bis(oxidanyl)oxan-4-yl]oxy-oxane-3,4,5-triol
4 water water
#
_entity_poly.entity_id   1
_entity_poly.type   'polypeptide(L)'
_entity_poly.pdbx_seq_one_letter_code
;MNKKQNFYAAIIVAIFLCLQLSHGSSGVSFEKTPAIKIVGNKFFDSESGEQFFIKGIAYQLQRSEEELSNANGAFETSYI
DALADPKICLRDIPFLKMLGVNTLRVYAIDPTKSHDICMEALSAEGMYVLLDLSEPDISINRENPSWDVHIFERYKSVID
AMSSFPNLLGYFAGNEVTNDHTNTFASPFVKAAIRDAKEYISHSNHRKIPVGYSTNDDAMTRDNLARYFVCGDVKADFYG
INMYEWCGYSTYGTSGYRERTKEFEGYPIPVFFSEFGCNLVRPRPFTEVSALYGNKMSSVWSGGLAYMYFEEENEYGVVK
INDNDGVDILPDFKNLKKEFAKADPKGITEEEYLTAKEPTEVESVECPHIAVGVWEANEKLPETPDRSKCACLDEILPCE
IVPFGAESGKYEEYFSYLCSKVDCSDILANGKTGEYGEFSDCSVEQKLSLQLSKLYCKIGANDRHCPLNDKNVYFNLESL
QPLTSESICKNVFDSIRNITYNHGDYSKSNPSRSKESLNVKYPSSEERENDGTIAFKTSGFVILLISMIAAGILL
;
_entity_poly.pdbx_strand_id   A
#
# COMPACT_ATOMS: atom_id res chain seq x y z
N SER A 29 27.02 -6.22 -0.13
CA SER A 29 27.29 -4.77 0.14
C SER A 29 26.14 -3.87 -0.35
N PHE A 30 25.85 -2.82 0.43
CA PHE A 30 24.84 -1.82 0.09
C PHE A 30 25.42 -0.39 0.09
N GLU A 31 26.70 -0.26 -0.26
CA GLU A 31 27.42 1.01 -0.13
C GLU A 31 26.83 2.13 -1.00
N LYS A 32 26.34 1.77 -2.19
CA LYS A 32 25.77 2.75 -3.12
C LYS A 32 24.33 3.16 -2.77
N THR A 33 23.70 2.50 -1.81
CA THR A 33 22.37 2.91 -1.32
C THR A 33 22.35 3.05 0.20
N PRO A 34 22.84 4.18 0.73
CA PRO A 34 22.63 4.47 2.15
C PRO A 34 21.13 4.61 2.43
N ALA A 35 20.71 4.20 3.63
CA ALA A 35 19.30 4.29 4.00
C ALA A 35 18.81 5.74 3.89
N ILE A 36 17.60 5.91 3.37
CA ILE A 36 16.95 7.22 3.29
C ILE A 36 16.12 7.39 4.55
N LYS A 37 16.19 8.58 5.15
CA LYS A 37 15.36 8.92 6.31
C LYS A 37 14.49 10.11 5.97
N ILE A 38 13.51 10.36 6.84
CA ILE A 38 12.62 11.51 6.71
C ILE A 38 12.95 12.50 7.81
N VAL A 39 13.08 13.78 7.43
CA VAL A 39 13.09 14.89 8.38
C VAL A 39 12.07 15.92 7.87
N GLY A 40 11.07 16.22 8.71
CA GLY A 40 9.95 17.08 8.31
C GLY A 40 9.21 16.54 7.11
N ASN A 41 9.14 17.33 6.04
CA ASN A 41 8.43 16.95 4.82
C ASN A 41 9.34 16.62 3.62
N LYS A 42 10.56 16.14 3.93
CA LYS A 42 11.54 15.78 2.90
C LYS A 42 12.28 14.48 3.25
N PHE A 43 12.75 13.80 2.21
CA PHE A 43 13.61 12.62 2.34
C PHE A 43 15.07 13.08 2.31
N PHE A 44 15.92 12.42 3.09
CA PHE A 44 17.37 12.72 3.10
C PHE A 44 18.19 11.45 3.10
N ASP A 45 19.27 11.46 2.33
CA ASP A 45 20.31 10.42 2.37
C ASP A 45 20.96 10.49 3.75
N SER A 46 20.92 9.38 4.50
CA SER A 46 21.37 9.35 5.90
C SER A 46 22.89 9.55 6.08
N GLU A 47 23.68 9.29 5.03
CA GLU A 47 25.14 9.47 5.08
C GLU A 47 25.59 10.85 4.59
N SER A 48 25.13 11.24 3.40
CA SER A 48 25.53 12.52 2.81
C SER A 48 24.77 13.72 3.38
N GLY A 49 23.53 13.50 3.82
CA GLY A 49 22.67 14.59 4.30
C GLY A 49 21.99 15.39 3.20
N GLU A 50 22.14 14.96 1.94
CA GLU A 50 21.55 15.65 0.79
C GLU A 50 20.10 15.19 0.66
N GLN A 51 19.23 16.09 0.20
CA GLN A 51 17.84 15.73 -0.05
C GLN A 51 17.75 14.66 -1.15
N PHE A 52 16.89 13.68 -0.92
CA PHE A 52 16.66 12.59 -1.85
C PHE A 52 15.39 12.87 -2.64
N PHE A 53 15.53 12.89 -3.97
CA PHE A 53 14.39 12.98 -4.87
C PHE A 53 14.18 11.64 -5.56
N ILE A 54 12.94 11.17 -5.56
CA ILE A 54 12.57 9.93 -6.23
C ILE A 54 12.52 10.18 -7.73
N LYS A 55 13.33 9.45 -8.48
CA LYS A 55 13.25 9.36 -9.93
C LYS A 55 12.95 7.91 -10.23
N GLY A 56 11.67 7.57 -10.35
CA GLY A 56 11.27 6.18 -10.29
C GLY A 56 10.47 5.62 -11.44
N ILE A 57 10.27 4.31 -11.40
CA ILE A 57 9.35 3.64 -12.29
C ILE A 57 8.71 2.45 -11.57
N ALA A 58 7.44 2.20 -11.85
CA ALA A 58 6.75 1.02 -11.32
C ALA A 58 7.31 -0.22 -12.03
N TYR A 59 7.48 -1.29 -11.27
CA TYR A 59 8.09 -2.53 -11.76
C TYR A 59 7.33 -3.73 -11.17
N GLN A 60 6.48 -4.35 -11.99
CA GLN A 60 5.55 -5.38 -11.54
C GLN A 60 5.00 -6.14 -12.74
N LEU A 61 5.18 -7.46 -12.72
CA LEU A 61 4.72 -8.35 -13.79
C LEU A 61 3.35 -8.90 -13.40
N GLN A 62 2.48 -9.10 -14.40
CA GLN A 62 1.16 -9.70 -14.19
C GLN A 62 1.08 -11.07 -14.86
N ARG A 63 0.10 -11.86 -14.45
CA ARG A 63 -0.28 -13.10 -15.15
C ARG A 63 -1.43 -12.77 -16.11
N SER A 64 -1.33 -13.25 -17.34
CA SER A 64 -2.34 -13.01 -18.37
C SER A 64 -3.59 -13.86 -18.14
N GLY A 73 -4.81 -25.12 -10.10
CA GLY A 73 -5.75 -24.64 -9.09
C GLY A 73 -5.16 -23.53 -8.23
N ALA A 74 -4.22 -23.91 -7.36
CA ALA A 74 -3.56 -22.95 -6.47
C ALA A 74 -2.17 -23.45 -6.05
N PHE A 75 -1.32 -23.68 -7.05
CA PHE A 75 0.08 -24.10 -6.84
C PHE A 75 1.07 -22.95 -7.04
N GLU A 76 0.56 -21.75 -7.33
CA GLU A 76 1.38 -20.55 -7.49
C GLU A 76 0.60 -19.31 -7.04
N THR A 77 1.32 -18.24 -6.72
CA THR A 77 0.69 -16.97 -6.34
C THR A 77 0.07 -16.29 -7.57
N SER A 78 -1.03 -15.57 -7.36
CA SER A 78 -1.71 -14.84 -8.43
C SER A 78 -0.80 -13.75 -9.01
N TYR A 79 -0.19 -12.99 -8.11
CA TYR A 79 0.87 -12.03 -8.48
C TYR A 79 2.18 -12.76 -8.81
N ILE A 80 3.02 -12.11 -9.63
CA ILE A 80 4.38 -12.57 -9.91
C ILE A 80 5.34 -11.67 -9.15
N ASP A 81 6.33 -12.28 -8.49
CA ASP A 81 7.35 -11.57 -7.74
C ASP A 81 8.67 -11.57 -8.52
N ALA A 82 8.88 -10.53 -9.32
CA ALA A 82 10.10 -10.38 -10.11
C ALA A 82 11.36 -10.23 -9.25
N LEU A 83 11.25 -9.65 -8.06
CA LEU A 83 12.38 -9.52 -7.15
C LEU A 83 12.76 -10.83 -6.42
N ALA A 84 11.95 -11.87 -6.57
CA ALA A 84 12.29 -13.22 -6.09
C ALA A 84 12.89 -14.12 -7.18
N ASP A 85 13.05 -13.59 -8.40
CA ASP A 85 13.54 -14.39 -9.52
C ASP A 85 14.73 -13.66 -10.19
N PRO A 86 15.98 -14.03 -9.82
CA PRO A 86 17.17 -13.41 -10.38
C PRO A 86 17.22 -13.31 -11.91
N LYS A 87 16.76 -14.33 -12.63
CA LYS A 87 16.76 -14.27 -14.11
C LYS A 87 15.88 -13.14 -14.66
N ILE A 88 14.81 -12.78 -13.95
CA ILE A 88 13.97 -11.67 -14.34
C ILE A 88 14.61 -10.33 -13.94
N CYS A 89 14.92 -10.16 -12.66
CA CYS A 89 15.42 -8.87 -12.18
C CYS A 89 16.78 -8.49 -12.76
N LEU A 90 17.68 -9.46 -12.93
CA LEU A 90 19.00 -9.19 -13.52
C LEU A 90 18.95 -8.92 -15.03
N ARG A 91 17.91 -9.41 -15.70
CA ARG A 91 17.63 -9.00 -17.09
C ARG A 91 17.26 -7.52 -17.16
N ASP A 92 16.41 -7.06 -16.25
CA ASP A 92 15.81 -5.73 -16.34
C ASP A 92 16.63 -4.60 -15.73
N ILE A 93 17.44 -4.88 -14.70
CA ILE A 93 18.22 -3.83 -14.03
C ILE A 93 19.12 -3.01 -15.00
N PRO A 94 19.79 -3.67 -15.97
CA PRO A 94 20.52 -2.91 -17.00
C PRO A 94 19.66 -1.89 -17.78
N PHE A 95 18.41 -2.26 -18.08
CA PHE A 95 17.50 -1.34 -18.76
C PHE A 95 17.02 -0.24 -17.81
N LEU A 96 16.78 -0.60 -16.55
CA LEU A 96 16.44 0.39 -15.52
C LEU A 96 17.59 1.38 -15.29
N LYS A 97 18.82 0.88 -15.34
CA LYS A 97 20.03 1.73 -15.29
C LYS A 97 20.05 2.74 -16.45
N MET A 98 19.75 2.26 -17.66
CA MET A 98 19.69 3.13 -18.85
C MET A 98 18.62 4.23 -18.72
N LEU A 99 17.48 3.88 -18.13
CA LEU A 99 16.42 4.88 -17.85
C LEU A 99 16.87 5.96 -16.86
N GLY A 100 17.80 5.61 -15.97
CA GLY A 100 18.34 6.54 -15.00
C GLY A 100 17.49 6.68 -13.75
N VAL A 101 16.73 5.63 -13.42
CA VAL A 101 15.90 5.62 -12.21
C VAL A 101 16.73 5.31 -10.97
N ASN A 102 16.34 5.88 -9.84
CA ASN A 102 16.90 5.52 -8.53
C ASN A 102 15.89 4.81 -7.61
N THR A 103 14.67 4.59 -8.09
CA THR A 103 13.62 3.96 -7.27
C THR A 103 12.68 3.11 -8.14
N LEU A 104 12.24 1.97 -7.58
CA LEU A 104 11.16 1.18 -8.17
C LEU A 104 9.97 1.21 -7.23
N ARG A 105 8.76 1.21 -7.79
CA ARG A 105 7.57 0.84 -7.00
C ARG A 105 7.21 -0.60 -7.33
N VAL A 106 7.13 -1.42 -6.30
CA VAL A 106 6.74 -2.82 -6.42
C VAL A 106 5.43 -2.96 -5.64
N TYR A 107 4.42 -3.53 -6.29
CA TYR A 107 3.08 -3.65 -5.71
C TYR A 107 2.86 -4.94 -4.94
N ALA A 108 3.64 -5.97 -5.20
CA ALA A 108 3.46 -7.25 -4.52
C ALA A 108 4.71 -8.10 -4.55
N ILE A 109 5.13 -8.57 -3.37
CA ILE A 109 6.17 -9.59 -3.23
C ILE A 109 5.61 -10.82 -2.51
N ASP A 110 6.25 -11.96 -2.73
CA ASP A 110 5.94 -13.20 -2.04
C ASP A 110 6.88 -13.27 -0.84
N PRO A 111 6.36 -13.07 0.39
CA PRO A 111 7.25 -13.04 1.57
C PRO A 111 7.89 -14.38 1.94
N THR A 112 7.44 -15.49 1.36
CA THR A 112 8.06 -16.80 1.60
C THR A 112 9.35 -17.01 0.78
N LYS A 113 9.59 -16.17 -0.22
CA LYS A 113 10.78 -16.27 -1.09
C LYS A 113 11.88 -15.31 -0.66
N SER A 114 13.11 -15.64 -1.05
CA SER A 114 14.27 -14.77 -0.82
C SER A 114 14.27 -13.61 -1.80
N HIS A 115 14.77 -12.45 -1.35
CA HIS A 115 14.93 -11.26 -2.22
C HIS A 115 16.31 -10.63 -2.17
N ASP A 116 17.27 -11.29 -1.52
CA ASP A 116 18.60 -10.68 -1.32
C ASP A 116 19.37 -10.46 -2.62
N ILE A 117 19.28 -11.40 -3.56
CA ILE A 117 19.99 -11.29 -4.84
C ILE A 117 19.52 -10.05 -5.61
N CYS A 118 18.20 -9.92 -5.79
CA CYS A 118 17.67 -8.79 -6.56
C CYS A 118 17.83 -7.45 -5.83
N MET A 119 17.62 -7.43 -4.52
CA MET A 119 17.79 -6.20 -3.74
C MET A 119 19.24 -5.72 -3.72
N GLU A 120 20.19 -6.65 -3.61
CA GLU A 120 21.62 -6.31 -3.70
C GLU A 120 22.01 -5.83 -5.09
N ALA A 121 21.47 -6.47 -6.13
CA ALA A 121 21.70 -6.03 -7.52
C ALA A 121 21.14 -4.64 -7.77
N LEU A 122 19.96 -4.36 -7.24
CA LEU A 122 19.40 -3.00 -7.30
C LEU A 122 20.27 -2.00 -6.56
N SER A 123 20.72 -2.36 -5.36
CA SER A 123 21.60 -1.50 -4.58
C SER A 123 22.91 -1.16 -5.32
N ALA A 124 23.48 -2.14 -6.02
CA ALA A 124 24.71 -1.92 -6.80
C ALA A 124 24.56 -0.88 -7.91
N GLU A 125 23.33 -0.63 -8.37
CA GLU A 125 23.02 0.45 -9.31
C GLU A 125 22.38 1.69 -8.66
N GLY A 126 22.49 1.82 -7.34
CA GLY A 126 21.93 2.95 -6.59
C GLY A 126 20.41 3.01 -6.56
N MET A 127 19.74 1.86 -6.67
CA MET A 127 18.28 1.83 -6.77
C MET A 127 17.62 1.38 -5.47
N TYR A 128 16.54 2.09 -5.13
CA TYR A 128 15.72 1.86 -3.95
C TYR A 128 14.38 1.25 -4.36
N VAL A 129 13.63 0.75 -3.37
CA VAL A 129 12.31 0.15 -3.61
C VAL A 129 11.26 0.73 -2.67
N LEU A 130 10.17 1.22 -3.24
CA LEU A 130 8.93 1.50 -2.50
C LEU A 130 8.02 0.29 -2.70
N LEU A 131 7.50 -0.24 -1.61
CA LEU A 131 6.81 -1.54 -1.63
C LEU A 131 5.45 -1.47 -0.95
N ASP A 132 4.41 -1.86 -1.68
CA ASP A 132 3.09 -2.05 -1.07
C ASP A 132 3.12 -3.28 -0.16
N LEU A 133 2.45 -3.19 0.98
CA LEU A 133 2.35 -4.32 1.92
C LEU A 133 1.23 -5.30 1.53
N SER A 134 0.24 -4.80 0.81
CA SER A 134 -0.93 -5.58 0.41
C SER A 134 -0.72 -6.31 -0.91
N GLU A 135 -1.66 -7.17 -1.25
CA GLU A 135 -1.69 -7.82 -2.56
C GLU A 135 -3.17 -7.96 -2.94
N PRO A 136 -3.48 -8.21 -4.23
CA PRO A 136 -4.88 -8.15 -4.67
C PRO A 136 -5.89 -8.97 -3.87
N ASP A 137 -5.47 -10.15 -3.40
CA ASP A 137 -6.33 -11.03 -2.60
C ASP A 137 -6.23 -10.85 -1.09
N ILE A 138 -5.26 -10.04 -0.61
CA ILE A 138 -5.18 -9.66 0.80
C ILE A 138 -4.93 -8.15 0.89
N SER A 139 -6.02 -7.40 0.81
CA SER A 139 -6.04 -5.94 0.93
C SER A 139 -7.23 -5.53 1.77
N ILE A 140 -7.22 -4.29 2.23
CA ILE A 140 -8.42 -3.71 2.86
C ILE A 140 -9.45 -3.54 1.74
N ASN A 141 -10.58 -4.23 1.90
CA ASN A 141 -11.64 -4.25 0.89
C ASN A 141 -12.41 -2.94 0.97
N ARG A 142 -12.28 -2.08 -0.04
CA ARG A 142 -12.98 -0.79 -0.01
C ARG A 142 -14.52 -0.92 -0.03
N GLU A 143 -15.02 -2.04 -0.54
CA GLU A 143 -16.47 -2.35 -0.57
C GLU A 143 -17.02 -2.96 0.73
N ASN A 144 -16.13 -3.41 1.62
CA ASN A 144 -16.52 -4.01 2.90
C ASN A 144 -15.29 -3.97 3.81
N PRO A 145 -14.93 -2.77 4.29
CA PRO A 145 -13.62 -2.63 4.93
C PRO A 145 -13.50 -3.29 6.30
N SER A 146 -12.35 -3.93 6.51
CA SER A 146 -11.99 -4.54 7.76
C SER A 146 -10.51 -4.30 7.96
N TRP A 147 -10.09 -4.20 9.21
CA TRP A 147 -8.68 -4.26 9.56
C TRP A 147 -8.56 -5.38 10.59
N ASP A 148 -7.98 -6.49 10.15
CA ASP A 148 -8.08 -7.74 10.89
C ASP A 148 -6.77 -8.50 10.89
N VAL A 149 -6.75 -9.59 11.66
CA VAL A 149 -5.55 -10.42 11.80
C VAL A 149 -5.04 -11.01 10.49
N HIS A 150 -5.95 -11.29 9.55
CA HIS A 150 -5.57 -11.87 8.27
C HIS A 150 -4.76 -10.87 7.43
N ILE A 151 -5.25 -9.64 7.32
CA ILE A 151 -4.54 -8.61 6.54
C ILE A 151 -3.29 -8.17 7.29
N PHE A 152 -3.38 -8.05 8.62
CA PHE A 152 -2.22 -7.61 9.41
C PHE A 152 -1.08 -8.65 9.34
N GLU A 153 -1.41 -9.95 9.34
CA GLU A 153 -0.38 -10.98 9.18
C GLU A 153 0.33 -10.88 7.81
N ARG A 154 -0.43 -10.56 6.77
CA ARG A 154 0.17 -10.27 5.45
C ARG A 154 1.19 -9.13 5.54
N TYR A 155 0.77 -8.02 6.15
CA TYR A 155 1.64 -6.85 6.29
C TYR A 155 2.90 -7.18 7.09
N LYS A 156 2.75 -7.88 8.21
CA LYS A 156 3.89 -8.31 9.02
C LYS A 156 4.84 -9.21 8.23
N SER A 157 4.30 -10.14 7.46
CA SER A 157 5.12 -11.05 6.66
C SER A 157 5.97 -10.32 5.62
N VAL A 158 5.39 -9.30 4.99
CA VAL A 158 6.14 -8.48 4.04
C VAL A 158 7.23 -7.67 4.76
N ILE A 159 6.87 -7.06 5.89
CA ILE A 159 7.83 -6.29 6.71
C ILE A 159 9.00 -7.16 7.14
N ASP A 160 8.73 -8.38 7.60
CA ASP A 160 9.81 -9.26 8.05
C ASP A 160 10.64 -9.83 6.90
N ALA A 161 10.05 -9.96 5.72
CA ALA A 161 10.78 -10.40 4.54
C ALA A 161 11.71 -9.34 3.95
N MET A 162 11.36 -8.06 4.09
CA MET A 162 12.02 -6.99 3.30
C MET A 162 12.74 -5.90 4.10
N SER A 163 12.65 -5.91 5.43
CA SER A 163 13.17 -4.79 6.22
C SER A 163 14.68 -4.80 6.44
N SER A 164 15.36 -5.91 6.14
CA SER A 164 16.82 -5.98 6.29
C SER A 164 17.59 -5.20 5.23
N PHE A 165 16.92 -4.77 4.17
CA PHE A 165 17.57 -4.12 3.03
C PHE A 165 17.62 -2.61 3.22
N PRO A 166 18.83 -2.01 3.28
CA PRO A 166 18.95 -0.55 3.41
C PRO A 166 18.30 0.25 2.28
N ASN A 167 18.16 -0.36 1.10
CA ASN A 167 17.51 0.28 -0.04
C ASN A 167 15.98 0.09 -0.13
N LEU A 168 15.37 -0.47 0.92
CA LEU A 168 13.92 -0.42 1.06
C LEU A 168 13.56 0.98 1.54
N LEU A 169 13.04 1.80 0.62
CA LEU A 169 12.76 3.22 0.90
C LEU A 169 11.56 3.38 1.84
N GLY A 170 10.48 2.68 1.55
CA GLY A 170 9.27 2.81 2.35
C GLY A 170 8.23 1.80 1.97
N TYR A 171 7.25 1.65 2.85
CA TYR A 171 6.12 0.75 2.65
C TYR A 171 4.83 1.54 2.45
N PHE A 172 3.98 1.08 1.52
CA PHE A 172 2.61 1.61 1.43
C PHE A 172 1.68 0.69 2.22
N ALA A 173 0.89 1.27 3.13
CA ALA A 173 -0.12 0.52 3.89
C ALA A 173 -1.47 0.40 3.18
N GLY A 174 -1.57 0.99 1.99
CA GLY A 174 -2.78 0.89 1.17
C GLY A 174 -2.56 1.61 -0.14
N ASN A 175 -3.37 1.24 -1.14
CA ASN A 175 -3.35 1.90 -2.44
C ASN A 175 -4.78 2.18 -2.86
N GLU A 176 -5.15 3.46 -2.90
CA GLU A 176 -6.46 3.88 -3.40
C GLU A 176 -7.61 3.10 -2.77
N VAL A 177 -7.61 3.02 -1.45
CA VAL A 177 -8.63 2.23 -0.75
C VAL A 177 -9.92 3.02 -0.87
N THR A 178 -10.05 4.14 -0.16
CA THR A 178 -11.03 5.14 -0.53
C THR A 178 -10.64 5.68 -1.90
N ASN A 179 -11.53 5.58 -2.90
CA ASN A 179 -11.26 6.17 -4.21
C ASN A 179 -12.32 7.14 -4.73
N ASP A 180 -13.45 7.27 -4.02
CA ASP A 180 -14.44 8.29 -4.34
C ASP A 180 -15.27 8.60 -3.08
N HIS A 181 -16.24 9.50 -3.22
CA HIS A 181 -17.09 9.89 -2.09
C HIS A 181 -18.01 8.81 -1.52
N THR A 182 -18.09 7.64 -2.16
CA THR A 182 -18.94 6.53 -1.70
C THR A 182 -18.26 5.54 -0.74
N ASN A 183 -16.95 5.65 -0.55
CA ASN A 183 -16.22 4.69 0.28
C ASN A 183 -15.16 5.35 1.17
N THR A 184 -15.44 6.58 1.61
CA THR A 184 -14.53 7.33 2.48
C THR A 184 -14.39 6.67 3.86
N PHE A 185 -15.44 5.97 4.29
CA PHE A 185 -15.42 5.17 5.53
C PHE A 185 -14.41 4.00 5.56
N ALA A 186 -13.78 3.68 4.43
CA ALA A 186 -12.65 2.74 4.43
C ALA A 186 -11.37 3.33 5.02
N SER A 187 -11.22 4.66 4.99
CA SER A 187 -9.97 5.31 5.39
C SER A 187 -9.53 5.11 6.86
N PRO A 188 -10.48 5.07 7.83
CA PRO A 188 -10.06 4.75 9.21
C PRO A 188 -9.34 3.41 9.36
N PHE A 189 -9.73 2.44 8.53
CA PHE A 189 -9.10 1.12 8.55
C PHE A 189 -7.67 1.19 8.01
N VAL A 190 -7.46 2.04 7.00
CA VAL A 190 -6.12 2.26 6.46
C VAL A 190 -5.24 2.99 7.49
N LYS A 191 -5.79 3.99 8.17
CA LYS A 191 -5.03 4.69 9.22
C LYS A 191 -4.65 3.75 10.37
N ALA A 192 -5.56 2.86 10.76
CA ALA A 192 -5.24 1.82 11.74
C ALA A 192 -4.08 0.95 11.26
N ALA A 193 -4.10 0.58 9.97
CA ALA A 193 -3.03 -0.22 9.38
C ALA A 193 -1.68 0.51 9.38
N ILE A 194 -1.70 1.81 9.09
CA ILE A 194 -0.49 2.64 9.18
C ILE A 194 0.06 2.63 10.61
N ARG A 195 -0.79 2.92 11.58
CA ARG A 195 -0.42 2.89 12.99
C ARG A 195 0.20 1.55 13.38
N ASP A 196 -0.47 0.46 13.02
CA ASP A 196 -0.06 -0.87 13.47
C ASP A 196 1.18 -1.38 12.75
N ALA A 197 1.33 -1.06 11.47
CA ALA A 197 2.57 -1.35 10.74
C ALA A 197 3.76 -0.59 11.35
N LYS A 198 3.57 0.70 11.62
CA LYS A 198 4.61 1.52 12.27
C LYS A 198 4.98 0.99 13.64
N GLU A 199 3.98 0.60 14.43
CA GLU A 199 4.23 0.04 15.76
C GLU A 199 4.94 -1.31 15.70
N TYR A 200 4.54 -2.16 14.75
CA TYR A 200 5.19 -3.45 14.54
C TYR A 200 6.66 -3.27 14.17
N ILE A 201 6.92 -2.34 13.26
CA ILE A 201 8.29 -2.01 12.88
C ILE A 201 9.07 -1.43 14.07
N SER A 202 8.44 -0.55 14.84
CA SER A 202 9.07 0.07 16.02
C SER A 202 9.50 -0.97 17.05
N HIS A 203 8.64 -1.95 17.32
CA HIS A 203 8.91 -3.02 18.28
C HIS A 203 9.83 -4.13 17.75
N SER A 204 10.02 -4.20 16.44
CA SER A 204 10.96 -5.14 15.84
C SER A 204 12.40 -4.65 16.00
N ASN A 205 13.35 -5.52 15.66
CA ASN A 205 14.77 -5.12 15.58
C ASN A 205 15.15 -4.41 14.26
N HIS A 206 14.18 -4.22 13.36
CA HIS A 206 14.46 -3.66 12.03
C HIS A 206 14.74 -2.16 12.10
N ARG A 207 15.44 -1.67 11.08
CA ARG A 207 15.49 -0.24 10.77
C ARG A 207 14.05 0.29 10.66
N LYS A 208 13.82 1.51 11.11
CA LYS A 208 12.46 2.07 11.16
C LYS A 208 12.05 2.63 9.81
N ILE A 209 11.77 1.70 8.89
CA ILE A 209 11.37 2.03 7.53
C ILE A 209 10.03 2.76 7.58
N PRO A 210 9.91 3.92 6.91
CA PRO A 210 8.64 4.66 6.99
C PRO A 210 7.48 3.94 6.29
N VAL A 211 6.28 4.18 6.82
CA VAL A 211 5.04 3.60 6.29
C VAL A 211 4.13 4.74 5.86
N GLY A 212 3.73 4.72 4.59
CA GLY A 212 2.89 5.76 4.01
C GLY A 212 1.67 5.21 3.31
N TYR A 213 1.12 6.02 2.42
CA TYR A 213 -0.13 5.71 1.72
C TYR A 213 -0.06 6.23 0.29
N SER A 214 -0.69 5.50 -0.61
CA SER A 214 -0.80 5.89 -2.02
C SER A 214 -2.27 6.13 -2.33
N THR A 215 -2.58 7.31 -2.84
CA THR A 215 -3.97 7.72 -3.10
C THR A 215 -4.18 7.99 -4.59
N ASN A 216 -5.44 8.03 -4.99
CA ASN A 216 -5.83 8.41 -6.36
C ASN A 216 -5.99 9.93 -6.45
N ASP A 217 -6.73 10.42 -7.46
CA ASP A 217 -6.82 11.86 -7.70
C ASP A 217 -8.26 12.29 -8.01
N ASP A 218 -9.19 11.78 -7.23
CA ASP A 218 -10.61 12.11 -7.38
C ASP A 218 -10.84 13.49 -6.78
N ALA A 219 -11.42 14.40 -7.56
CA ALA A 219 -11.51 15.82 -7.21
C ALA A 219 -12.26 16.08 -5.92
N MET A 220 -13.34 15.33 -5.68
CA MET A 220 -14.20 15.61 -4.53
C MET A 220 -13.67 15.05 -3.20
N THR A 221 -12.76 14.07 -3.25
CA THR A 221 -12.19 13.47 -2.04
C THR A 221 -10.72 13.82 -1.75
N ARG A 222 -9.99 14.35 -2.72
CA ARG A 222 -8.52 14.44 -2.59
C ARG A 222 -8.04 15.35 -1.45
N ASP A 223 -8.66 16.51 -1.27
CA ASP A 223 -8.27 17.41 -0.17
C ASP A 223 -8.53 16.78 1.21
N ASN A 224 -9.72 16.19 1.38
CA ASN A 224 -10.05 15.52 2.64
C ASN A 224 -9.16 14.31 2.93
N LEU A 225 -8.85 13.52 1.91
CA LEU A 225 -7.92 12.39 2.08
C LEU A 225 -6.54 12.85 2.56
N ALA A 226 -5.99 13.87 1.91
CA ALA A 226 -4.67 14.40 2.28
C ALA A 226 -4.65 14.89 3.73
N ARG A 227 -5.68 15.61 4.14
CA ARG A 227 -5.77 16.09 5.53
C ARG A 227 -5.99 14.93 6.50
N TYR A 228 -6.85 13.98 6.14
CA TYR A 228 -7.16 12.85 7.02
C TYR A 228 -5.94 12.03 7.38
N PHE A 229 -5.07 11.79 6.40
CA PHE A 229 -3.88 10.96 6.64
C PHE A 229 -2.75 11.64 7.41
N VAL A 230 -2.88 12.93 7.72
CA VAL A 230 -1.98 13.61 8.67
C VAL A 230 -2.69 14.16 9.91
N CYS A 231 -3.98 13.86 10.10
CA CYS A 231 -4.76 14.44 11.21
C CYS A 231 -4.70 13.56 12.47
N GLY A 232 -5.02 14.19 13.60
CA GLY A 232 -5.11 13.47 14.88
C GLY A 232 -3.79 12.89 15.35
N ASP A 233 -3.87 11.74 16.00
CA ASP A 233 -2.71 11.11 16.65
C ASP A 233 -1.94 10.12 15.78
N VAL A 234 -2.52 9.73 14.64
CA VAL A 234 -1.90 8.77 13.71
C VAL A 234 -1.68 9.48 12.38
N LYS A 235 -0.46 9.38 11.86
CA LYS A 235 -0.09 10.02 10.60
C LYS A 235 0.63 9.04 9.69
N ALA A 236 0.33 9.10 8.39
CA ALA A 236 1.20 8.53 7.37
C ALA A 236 2.58 9.19 7.47
N ASP A 237 3.64 8.42 7.18
CA ASP A 237 5.00 9.00 7.15
C ASP A 237 5.29 9.74 5.86
N PHE A 238 4.65 9.33 4.78
CA PHE A 238 4.75 9.99 3.48
C PHE A 238 3.47 9.72 2.70
N TYR A 239 3.28 10.47 1.62
CA TYR A 239 2.02 10.48 0.88
C TYR A 239 2.30 10.45 -0.62
N GLY A 240 1.87 9.39 -1.29
CA GLY A 240 2.02 9.25 -2.73
C GLY A 240 0.71 9.48 -3.43
N ILE A 241 0.70 10.26 -4.50
CA ILE A 241 -0.49 10.46 -5.32
C ILE A 241 -0.27 9.83 -6.68
N ASN A 242 -1.25 9.05 -7.12
CA ASN A 242 -1.23 8.48 -8.47
C ASN A 242 -1.79 9.57 -9.39
N MET A 243 -0.88 10.25 -10.09
CA MET A 243 -1.13 11.55 -10.69
C MET A 243 -1.08 11.48 -12.22
N TYR A 244 -2.23 11.64 -12.86
CA TYR A 244 -2.35 11.52 -14.32
C TYR A 244 -2.93 12.77 -14.99
N GLU A 245 -2.81 13.92 -14.33
CA GLU A 245 -3.40 15.16 -14.85
C GLU A 245 -2.70 15.73 -16.08
N TRP A 246 -1.40 15.47 -16.21
CA TRP A 246 -0.59 15.99 -17.31
C TRP A 246 -0.58 14.98 -18.47
N CYS A 247 -1.29 15.31 -19.54
CA CYS A 247 -1.32 14.44 -20.74
C CYS A 247 -0.71 15.17 -21.93
N GLY A 248 0.14 14.47 -22.70
CA GLY A 248 0.78 15.03 -23.87
C GLY A 248 1.66 16.24 -23.56
N TYR A 249 1.66 17.21 -24.47
CA TYR A 249 2.49 18.41 -24.32
C TYR A 249 1.73 19.49 -23.55
N SER A 250 1.52 19.23 -22.26
CA SER A 250 0.79 20.13 -21.37
C SER A 250 1.75 21.14 -20.75
N THR A 251 1.26 21.92 -19.79
CA THR A 251 2.08 22.88 -19.05
C THR A 251 1.81 22.83 -17.55
N TYR A 252 2.69 23.47 -16.79
CA TYR A 252 2.55 23.58 -15.33
C TYR A 252 1.19 24.16 -14.92
N GLY A 253 0.78 25.24 -15.58
CA GLY A 253 -0.50 25.89 -15.32
C GLY A 253 -1.72 25.11 -15.79
N THR A 254 -1.71 24.70 -17.06
CA THR A 254 -2.89 24.07 -17.69
C THR A 254 -3.17 22.64 -17.22
N SER A 255 -2.13 21.89 -16.87
CA SER A 255 -2.29 20.50 -16.41
C SER A 255 -3.07 20.37 -15.10
N GLY A 256 -2.90 21.36 -14.21
CA GLY A 256 -3.39 21.28 -12.84
C GLY A 256 -2.26 21.14 -11.82
N TYR A 257 -1.04 20.88 -12.29
CA TYR A 257 0.14 20.75 -11.44
C TYR A 257 0.38 21.96 -10.53
N ARG A 258 0.12 23.15 -11.05
CA ARG A 258 0.28 24.38 -10.26
C ARG A 258 -0.68 24.45 -9.09
N GLU A 259 -1.95 24.12 -9.33
CA GLU A 259 -2.95 24.09 -8.26
C GLU A 259 -2.69 22.97 -7.24
N ARG A 260 -2.21 21.81 -7.72
CA ARG A 260 -1.81 20.71 -6.81
C ARG A 260 -0.62 21.12 -5.94
N THR A 261 0.36 21.80 -6.54
CA THR A 261 1.55 22.27 -5.82
C THR A 261 1.20 23.30 -4.74
N LYS A 262 0.30 24.22 -5.06
CA LYS A 262 -0.19 25.20 -4.09
C LYS A 262 -0.99 24.55 -2.95
N GLU A 263 -1.78 23.52 -3.27
CA GLU A 263 -2.52 22.75 -2.26
C GLU A 263 -1.60 22.04 -1.25
N PHE A 264 -0.49 21.49 -1.73
CA PHE A 264 0.42 20.69 -0.89
C PHE A 264 1.61 21.47 -0.30
N GLU A 265 1.68 22.78 -0.55
CA GLU A 265 2.71 23.60 0.07
C GLU A 265 2.48 23.67 1.58
N GLY A 266 3.52 23.36 2.36
CA GLY A 266 3.42 23.28 3.81
C GLY A 266 2.88 21.97 4.39
N TYR A 267 2.59 21.00 3.53
CA TYR A 267 2.09 19.68 3.96
C TYR A 267 3.19 19.03 4.82
N PRO A 268 2.82 18.48 6.00
CA PRO A 268 3.84 18.14 7.00
C PRO A 268 4.67 16.87 6.76
N ILE A 269 4.36 16.09 5.73
CA ILE A 269 5.12 14.87 5.40
C ILE A 269 5.54 14.89 3.93
N PRO A 270 6.58 14.11 3.56
CA PRO A 270 6.98 14.06 2.15
C PRO A 270 5.84 13.64 1.24
N VAL A 271 5.73 14.30 0.09
CA VAL A 271 4.70 14.02 -0.89
C VAL A 271 5.35 13.89 -2.27
N PHE A 272 4.84 12.95 -3.05
CA PHE A 272 5.41 12.66 -4.37
C PHE A 272 4.35 11.99 -5.23
N PHE A 273 4.64 11.85 -6.52
CA PHE A 273 3.76 11.11 -7.42
C PHE A 273 4.12 9.63 -7.35
N SER A 274 3.30 8.83 -6.68
CA SER A 274 3.52 7.38 -6.60
C SER A 274 3.28 6.67 -7.94
N GLU A 275 2.53 7.33 -8.83
CA GLU A 275 2.42 6.99 -10.25
C GLU A 275 2.31 8.28 -11.04
N PHE A 276 2.87 8.29 -12.25
CA PHE A 276 2.52 9.29 -13.26
C PHE A 276 2.74 8.73 -14.65
N GLY A 277 2.17 9.40 -15.64
CA GLY A 277 2.39 9.05 -17.05
C GLY A 277 1.12 8.79 -17.82
N CYS A 278 0.27 9.81 -17.89
CA CYS A 278 -0.93 9.78 -18.72
C CYS A 278 -0.54 9.42 -20.14
N ASN A 279 -1.25 8.46 -20.74
CA ASN A 279 -0.90 7.93 -22.06
C ASN A 279 -1.85 8.36 -23.17
N LEU A 280 -2.63 9.42 -22.95
CA LEU A 280 -3.59 9.92 -23.94
C LEU A 280 -2.89 10.22 -25.26
N VAL A 281 -1.77 10.93 -25.18
CA VAL A 281 -0.93 11.25 -26.33
C VAL A 281 0.32 10.36 -26.29
N ARG A 282 0.60 9.66 -27.39
CA ARG A 282 1.76 8.78 -27.50
C ARG A 282 2.61 9.10 -28.74
N PRO A 283 3.89 8.72 -28.76
CA PRO A 283 4.64 8.22 -27.59
C PRO A 283 4.66 9.28 -26.49
N ARG A 284 4.52 8.85 -25.24
CA ARG A 284 4.50 9.78 -24.11
C ARG A 284 5.77 10.64 -24.11
N PRO A 285 5.62 11.98 -24.27
CA PRO A 285 6.83 12.82 -24.17
C PRO A 285 7.40 12.95 -22.76
N PHE A 286 6.57 12.70 -21.74
CA PHE A 286 7.00 12.81 -20.33
C PHE A 286 7.51 14.22 -19.95
N THR A 287 6.93 15.25 -20.55
CA THR A 287 7.33 16.64 -20.26
C THR A 287 6.94 17.09 -18.85
N GLU A 288 6.01 16.38 -18.21
CA GLU A 288 5.73 16.56 -16.76
C GLU A 288 6.98 16.43 -15.87
N VAL A 289 7.94 15.62 -16.30
CA VAL A 289 9.20 15.43 -15.58
C VAL A 289 9.97 16.75 -15.44
N SER A 290 10.01 17.55 -16.50
CA SER A 290 10.63 18.89 -16.43
C SER A 290 9.99 19.79 -15.39
N ALA A 291 8.66 19.76 -15.31
CA ALA A 291 7.92 20.51 -14.29
C ALA A 291 8.18 19.96 -12.88
N LEU A 292 8.09 18.64 -12.73
CA LEU A 292 8.21 17.98 -11.43
C LEU A 292 9.54 18.26 -10.70
N TYR A 293 10.65 18.24 -11.44
CA TYR A 293 11.97 18.51 -10.86
C TYR A 293 12.47 19.95 -11.08
N GLY A 294 11.61 20.81 -11.64
CA GLY A 294 11.90 22.25 -11.75
C GLY A 294 11.80 22.95 -10.41
N ASN A 295 12.18 24.23 -10.39
CA ASN A 295 12.32 24.98 -9.13
C ASN A 295 11.03 25.19 -8.35
N LYS A 296 9.91 25.39 -9.04
CA LYS A 296 8.61 25.60 -8.40
C LYS A 296 8.11 24.35 -7.68
N MET A 297 8.22 23.19 -8.34
CA MET A 297 7.72 21.93 -7.79
C MET A 297 8.72 21.19 -6.88
N SER A 298 10.02 21.35 -7.11
CA SER A 298 11.04 20.67 -6.30
C SER A 298 11.11 21.11 -4.84
N SER A 299 10.58 22.30 -4.53
CA SER A 299 10.47 22.76 -3.13
C SER A 299 9.30 22.11 -2.39
N VAL A 300 8.33 21.57 -3.12
CA VAL A 300 7.13 20.93 -2.54
C VAL A 300 7.15 19.41 -2.68
N TRP A 301 7.41 18.92 -3.89
CA TRP A 301 7.32 17.49 -4.18
C TRP A 301 8.68 16.80 -4.06
N SER A 302 8.67 15.54 -3.64
CA SER A 302 9.88 14.71 -3.54
C SER A 302 10.06 13.79 -4.75
N GLY A 303 9.56 14.20 -5.91
CA GLY A 303 9.72 13.47 -7.15
C GLY A 303 8.53 12.59 -7.50
N GLY A 304 8.80 11.51 -8.20
CA GLY A 304 7.73 10.60 -8.61
C GLY A 304 8.21 9.38 -9.36
N LEU A 305 7.28 8.46 -9.60
CA LEU A 305 7.57 7.21 -10.30
C LEU A 305 6.65 7.05 -11.50
N ALA A 306 7.23 6.86 -12.67
CA ALA A 306 6.47 6.61 -13.90
C ALA A 306 5.77 5.25 -13.85
N TYR A 307 4.58 5.19 -14.44
CA TYR A 307 3.87 3.92 -14.58
C TYR A 307 3.83 3.55 -16.06
N MET A 308 4.48 2.46 -16.51
CA MET A 308 5.38 1.60 -15.72
C MET A 308 6.44 0.99 -16.65
N TYR A 309 7.30 0.14 -16.11
CA TYR A 309 8.29 -0.61 -16.91
C TYR A 309 7.69 -1.54 -17.99
N PHE A 310 6.95 -2.56 -17.56
CA PHE A 310 6.39 -3.58 -18.47
C PHE A 310 5.15 -3.11 -19.23
N GLU A 311 5.13 -3.42 -20.52
CA GLU A 311 3.94 -3.26 -21.36
C GLU A 311 3.06 -4.50 -21.20
N GLU A 312 1.79 -4.32 -20.83
CA GLU A 312 0.88 -5.42 -20.57
C GLU A 312 -0.48 -5.17 -21.24
N GLU A 313 -0.44 -5.01 -22.56
CA GLU A 313 -1.63 -4.76 -23.39
C GLU A 313 -2.46 -3.54 -22.92
N ASN A 314 -1.77 -2.57 -22.34
CA ASN A 314 -2.38 -1.38 -21.73
C ASN A 314 -1.79 -0.03 -22.18
N GLU A 315 -0.79 -0.08 -23.06
CA GLU A 315 -0.06 1.10 -23.50
C GLU A 315 0.51 1.95 -22.34
N TYR A 316 0.99 1.30 -21.27
CA TYR A 316 1.69 1.98 -20.17
C TYR A 316 3.16 1.57 -20.01
N GLY A 317 3.63 0.57 -20.77
CA GLY A 317 5.01 0.11 -20.65
C GLY A 317 6.00 0.98 -21.40
N VAL A 318 7.26 0.94 -20.95
CA VAL A 318 8.40 1.46 -21.73
C VAL A 318 9.22 0.36 -22.39
N VAL A 319 9.02 -0.90 -21.97
CA VAL A 319 9.53 -2.07 -22.68
C VAL A 319 8.43 -3.13 -22.81
N LYS A 320 8.61 -4.02 -23.78
CA LYS A 320 7.76 -5.20 -23.95
C LYS A 320 8.65 -6.44 -23.88
N ILE A 321 8.24 -7.44 -23.08
CA ILE A 321 8.94 -8.72 -23.02
C ILE A 321 8.39 -9.61 -24.13
N ASN A 322 9.25 -9.97 -25.07
CA ASN A 322 8.84 -10.77 -26.25
C ASN A 322 8.64 -12.26 -25.93
N ASP A 323 8.27 -13.05 -26.93
CA ASP A 323 8.08 -14.50 -26.79
C ASP A 323 9.35 -15.28 -26.40
N ASN A 324 10.52 -14.71 -26.71
CA ASN A 324 11.82 -15.27 -26.30
C ASN A 324 12.32 -14.76 -24.94
N ASP A 325 11.43 -14.11 -24.17
CA ASP A 325 11.74 -13.52 -22.84
C ASP A 325 12.83 -12.44 -22.85
N GLY A 326 13.06 -11.82 -24.01
CA GLY A 326 14.01 -10.71 -24.15
C GLY A 326 13.28 -9.38 -24.06
N VAL A 327 14.03 -8.32 -23.78
CA VAL A 327 13.49 -6.99 -23.60
C VAL A 327 13.51 -6.22 -24.93
N ASP A 328 12.33 -5.82 -25.41
CA ASP A 328 12.20 -4.94 -26.57
C ASP A 328 11.84 -3.54 -26.09
N ILE A 329 12.71 -2.57 -26.36
CA ILE A 329 12.51 -1.18 -25.96
C ILE A 329 11.41 -0.54 -26.82
N LEU A 330 10.48 0.16 -26.17
CA LEU A 330 9.34 0.80 -26.83
C LEU A 330 9.57 2.31 -26.97
N PRO A 331 8.80 3.01 -27.84
CA PRO A 331 9.04 4.44 -28.12
C PRO A 331 9.06 5.41 -26.92
N ASP A 332 8.32 5.09 -25.86
CA ASP A 332 8.32 5.90 -24.62
C ASP A 332 9.66 5.94 -23.90
N PHE A 333 10.43 4.85 -24.03
CA PHE A 333 11.68 4.66 -23.28
C PHE A 333 12.67 5.82 -23.41
N LYS A 334 12.97 6.20 -24.66
CA LYS A 334 13.91 7.29 -24.93
C LYS A 334 13.47 8.64 -24.37
N ASN A 335 12.16 8.89 -24.37
CA ASN A 335 11.60 10.14 -23.85
C ASN A 335 11.72 10.24 -22.33
N LEU A 336 11.40 9.15 -21.63
CA LEU A 336 11.56 9.10 -20.18
C LEU A 336 13.04 9.19 -19.78
N LYS A 337 13.89 8.47 -20.51
CA LYS A 337 15.35 8.51 -20.32
C LYS A 337 15.90 9.93 -20.45
N LYS A 338 15.54 10.61 -21.54
CA LYS A 338 16.03 11.97 -21.79
C LYS A 338 15.52 12.95 -20.74
N GLU A 339 14.27 12.80 -20.33
CA GLU A 339 13.67 13.67 -19.32
C GLU A 339 14.30 13.49 -17.93
N PHE A 340 14.48 12.24 -17.49
CA PHE A 340 15.16 11.97 -16.22
C PHE A 340 16.62 12.45 -16.23
N ALA A 341 17.31 12.30 -17.36
CA ALA A 341 18.70 12.75 -17.51
C ALA A 341 18.83 14.27 -17.40
N LYS A 342 17.87 15.00 -17.97
CA LYS A 342 17.84 16.47 -17.92
C LYS A 342 17.41 17.00 -16.55
N ALA A 343 16.57 16.24 -15.84
CA ALA A 343 16.09 16.63 -14.51
C ALA A 343 17.24 16.74 -13.50
N ASP A 344 17.29 17.88 -12.80
CA ASP A 344 18.36 18.18 -11.84
C ASP A 344 17.75 18.99 -10.69
N PRO A 345 16.99 18.31 -9.80
CA PRO A 345 16.26 19.03 -8.74
C PRO A 345 17.20 19.68 -7.71
N LYS A 346 17.04 20.98 -7.52
CA LYS A 346 17.82 21.73 -6.51
C LYS A 346 17.15 21.59 -5.16
N GLY A 347 17.63 20.62 -4.37
CA GLY A 347 17.10 20.38 -3.04
C GLY A 347 17.78 21.22 -1.98
N ILE A 348 17.56 20.83 -0.73
CA ILE A 348 18.24 21.42 0.42
C ILE A 348 18.92 20.31 1.21
N THR A 349 19.70 20.69 2.21
CA THR A 349 20.42 19.74 3.03
C THR A 349 19.70 19.54 4.36
N GLU A 350 20.02 18.43 5.02
CA GLU A 350 19.41 18.05 6.30
C GLU A 350 19.65 19.10 7.39
N GLU A 351 20.88 19.59 7.48
CA GLU A 351 21.25 20.57 8.51
C GLU A 351 20.61 21.95 8.30
N GLU A 352 20.54 22.40 7.04
CA GLU A 352 19.94 23.71 6.74
C GLU A 352 18.41 23.71 6.87
N TYR A 353 17.79 22.55 6.68
CA TYR A 353 16.35 22.39 6.88
C TYR A 353 15.96 22.43 8.37
N LEU A 354 16.77 21.81 9.22
CA LEU A 354 16.51 21.74 10.67
C LEU A 354 16.48 23.11 11.37
N THR A 355 17.24 24.08 10.85
CA THR A 355 17.26 25.43 11.40
C THR A 355 16.00 26.20 11.00
N GLU A 363 -0.17 20.96 18.63
CA GLU A 363 -0.50 21.48 17.30
C GLU A 363 -0.77 20.35 16.29
N SER A 364 -1.62 19.41 16.69
CA SER A 364 -2.09 18.35 15.79
C SER A 364 -3.12 18.95 14.83
N VAL A 365 -3.05 18.54 13.56
CA VAL A 365 -3.96 19.07 12.53
C VAL A 365 -5.34 18.41 12.67
N GLU A 366 -6.39 19.22 12.51
CA GLU A 366 -7.76 18.78 12.72
C GLU A 366 -8.21 17.85 11.60
N CYS A 367 -8.93 16.79 11.96
CA CYS A 367 -9.48 15.87 10.97
C CYS A 367 -10.66 16.51 10.27
N PRO A 368 -10.87 16.19 8.97
CA PRO A 368 -12.04 16.74 8.27
C PRO A 368 -13.35 16.37 8.96
N HIS A 369 -14.25 17.34 9.07
CA HIS A 369 -15.57 17.08 9.66
C HIS A 369 -16.39 16.14 8.78
N ILE A 370 -17.32 15.44 9.41
CA ILE A 370 -18.20 14.48 8.73
C ILE A 370 -19.31 15.24 8.01
N ALA A 371 -19.56 14.89 6.76
CA ALA A 371 -20.71 15.40 6.00
C ALA A 371 -21.24 14.27 5.13
N VAL A 372 -22.54 13.97 5.26
CA VAL A 372 -23.15 12.80 4.62
C VAL A 372 -23.02 12.91 3.09
N GLY A 373 -22.58 11.82 2.45
CA GLY A 373 -22.37 11.78 1.02
C GLY A 373 -21.11 12.48 0.50
N VAL A 374 -20.31 13.03 1.41
CA VAL A 374 -19.12 13.81 1.06
C VAL A 374 -17.88 13.23 1.75
N TRP A 375 -17.89 13.25 3.08
CA TRP A 375 -16.79 12.71 3.87
C TRP A 375 -17.33 12.01 5.11
N GLU A 376 -17.05 10.71 5.20
CA GLU A 376 -17.64 9.83 6.21
C GLU A 376 -16.58 8.96 6.89
N ALA A 377 -15.39 9.51 7.10
CA ALA A 377 -14.30 8.82 7.80
C ALA A 377 -14.20 9.33 9.23
N ASN A 378 -14.56 8.49 10.20
CA ASN A 378 -14.48 8.87 11.61
C ASN A 378 -13.02 9.02 12.04
N GLU A 379 -12.75 9.95 12.96
CA GLU A 379 -11.41 10.10 13.53
C GLU A 379 -11.04 8.88 14.39
N LYS A 380 -12.04 8.28 15.03
CA LYS A 380 -11.82 7.08 15.85
C LYS A 380 -11.50 5.89 14.95
N LEU A 381 -10.38 5.21 15.27
CA LEU A 381 -9.86 4.12 14.45
C LEU A 381 -10.15 2.78 15.09
N PRO A 382 -10.21 1.69 14.28
CA PRO A 382 -10.32 0.37 14.89
C PRO A 382 -9.08 -0.01 15.70
N GLU A 383 -9.24 -0.93 16.63
CA GLU A 383 -8.16 -1.38 17.51
C GLU A 383 -7.14 -2.21 16.74
N THR A 384 -5.96 -2.39 17.34
CA THR A 384 -4.92 -3.23 16.77
C THR A 384 -5.41 -4.67 16.75
N PRO A 385 -5.39 -5.34 15.58
CA PRO A 385 -5.81 -6.73 15.54
C PRO A 385 -4.99 -7.61 16.48
N ASP A 386 -5.69 -8.40 17.30
CA ASP A 386 -5.08 -9.19 18.36
C ASP A 386 -5.10 -10.66 17.95
N ARG A 387 -3.95 -11.16 17.50
CA ARG A 387 -3.83 -12.55 17.06
C ARG A 387 -4.11 -13.56 18.17
N SER A 388 -3.74 -13.24 19.41
CA SER A 388 -3.95 -14.13 20.57
C SER A 388 -5.42 -14.29 20.93
N LYS A 389 -6.14 -13.18 20.99
CA LYS A 389 -7.59 -13.18 21.25
C LYS A 389 -8.33 -13.94 20.17
N CYS A 390 -8.00 -13.68 18.91
CA CYS A 390 -8.63 -14.36 17.78
C CYS A 390 -8.20 -15.83 17.67
N ALA A 391 -6.95 -16.14 18.05
CA ALA A 391 -6.50 -17.54 18.14
C ALA A 391 -7.20 -18.33 19.24
N CYS A 392 -7.66 -17.63 20.29
CA CYS A 392 -8.53 -18.25 21.32
C CYS A 392 -9.83 -18.81 20.74
N LEU A 393 -10.41 -18.13 19.76
CA LEU A 393 -11.61 -18.61 19.08
C LEU A 393 -11.37 -19.93 18.35
N ASP A 394 -10.19 -20.10 17.76
CA ASP A 394 -9.81 -21.38 17.13
C ASP A 394 -9.75 -22.51 18.16
N GLU A 395 -9.27 -22.22 19.37
CA GLU A 395 -9.14 -23.21 20.43
C GLU A 395 -10.46 -23.57 21.12
N ILE A 396 -11.23 -22.56 21.53
CA ILE A 396 -12.36 -22.76 22.46
C ILE A 396 -13.77 -22.88 21.84
N LEU A 397 -13.96 -22.40 20.61
CA LEU A 397 -15.31 -22.40 20.01
C LEU A 397 -15.78 -23.82 19.67
N PRO A 398 -17.05 -24.16 19.99
CA PRO A 398 -17.57 -25.50 19.66
C PRO A 398 -17.75 -25.76 18.16
N CYS A 399 -18.17 -24.74 17.42
CA CYS A 399 -18.45 -24.88 15.99
C CYS A 399 -17.55 -23.96 15.17
N GLU A 400 -16.80 -24.56 14.24
CA GLU A 400 -15.81 -23.87 13.43
C GLU A 400 -16.11 -24.04 11.95
N ILE A 401 -15.57 -23.15 11.14
CA ILE A 401 -15.68 -23.25 9.68
C ILE A 401 -14.30 -23.03 9.05
N VAL A 402 -13.89 -23.96 8.18
CA VAL A 402 -12.63 -23.81 7.46
C VAL A 402 -12.83 -22.83 6.28
N PRO A 403 -11.77 -22.09 5.91
CA PRO A 403 -11.81 -21.34 4.65
C PRO A 403 -11.71 -22.26 3.43
N PHE A 404 -10.54 -22.89 3.24
CA PHE A 404 -10.23 -23.76 2.09
C PHE A 404 -11.10 -23.58 0.84
N GLY A 409 -19.07 -16.00 -1.96
CA GLY A 409 -20.48 -16.32 -2.10
C GLY A 409 -21.10 -16.88 -0.84
N LYS A 410 -20.44 -17.90 -0.27
CA LYS A 410 -20.93 -18.56 0.95
C LYS A 410 -20.93 -17.67 2.19
N TYR A 411 -19.99 -16.72 2.27
CA TYR A 411 -19.91 -15.80 3.41
C TYR A 411 -21.13 -14.90 3.52
N GLU A 412 -21.49 -14.26 2.40
CA GLU A 412 -22.68 -13.39 2.36
C GLU A 412 -23.95 -14.14 2.71
N GLU A 413 -24.09 -15.37 2.21
CA GLU A 413 -25.24 -16.22 2.50
C GLU A 413 -25.28 -16.63 3.99
N TYR A 414 -24.16 -17.11 4.51
CA TYR A 414 -24.11 -17.62 5.88
C TYR A 414 -24.07 -16.53 6.96
N PHE A 415 -23.46 -15.38 6.67
CA PHE A 415 -23.59 -14.21 7.56
C PHE A 415 -25.03 -13.71 7.60
N SER A 416 -25.64 -13.57 6.42
CA SER A 416 -27.05 -13.17 6.33
C SER A 416 -27.98 -14.13 7.09
N TYR A 417 -27.73 -15.42 6.96
CA TYR A 417 -28.49 -16.44 7.69
C TYR A 417 -28.25 -16.34 9.20
N LEU A 418 -26.99 -16.49 9.62
CA LEU A 418 -26.64 -16.54 11.05
C LEU A 418 -26.95 -15.26 11.80
N CYS A 419 -26.72 -14.10 11.18
CA CYS A 419 -26.97 -12.80 11.82
C CYS A 419 -28.46 -12.43 11.95
N SER A 420 -29.36 -13.20 11.32
CA SER A 420 -30.80 -13.10 11.61
C SER A 420 -31.19 -13.92 12.85
N LYS A 421 -30.36 -14.88 13.26
CA LYS A 421 -30.62 -15.74 14.41
C LYS A 421 -29.91 -15.26 15.69
N VAL A 422 -28.69 -14.74 15.54
CA VAL A 422 -27.93 -14.18 16.67
C VAL A 422 -27.47 -12.76 16.38
N ASP A 423 -27.04 -12.05 17.43
CA ASP A 423 -26.58 -10.67 17.30
C ASP A 423 -25.13 -10.63 16.82
N CYS A 424 -24.93 -10.12 15.61
CA CYS A 424 -23.58 -10.03 15.00
C CYS A 424 -22.85 -8.71 15.26
N SER A 425 -23.40 -7.85 16.13
CA SER A 425 -22.75 -6.59 16.51
C SER A 425 -21.26 -6.73 16.84
N ASP A 426 -20.91 -7.82 17.53
CA ASP A 426 -19.51 -8.07 17.94
C ASP A 426 -18.49 -8.30 16.81
N ILE A 427 -18.95 -8.54 15.58
CA ILE A 427 -18.06 -8.66 14.42
C ILE A 427 -18.19 -7.52 13.38
N LEU A 428 -19.10 -6.57 13.62
CA LEU A 428 -19.28 -5.44 12.72
C LEU A 428 -18.25 -4.34 13.00
N ALA A 429 -17.87 -3.63 11.94
CA ALA A 429 -16.95 -2.50 12.02
C ALA A 429 -17.53 -1.39 11.17
N ASN A 430 -17.72 -0.22 11.77
CA ASN A 430 -18.33 0.92 11.08
C ASN A 430 -17.38 2.12 11.12
N GLY A 431 -16.73 2.38 9.98
CA GLY A 431 -15.81 3.50 9.84
C GLY A 431 -16.45 4.88 9.81
N LYS A 432 -17.77 4.95 9.55
CA LYS A 432 -18.52 6.21 9.61
C LYS A 432 -18.73 6.65 11.05
N THR A 433 -19.27 5.75 11.86
CA THR A 433 -19.63 6.04 13.24
C THR A 433 -18.50 5.80 14.24
N GLY A 434 -17.44 5.10 13.82
CA GLY A 434 -16.34 4.76 14.71
C GLY A 434 -16.71 3.73 15.75
N GLU A 435 -17.60 2.80 15.39
CA GLU A 435 -18.04 1.72 16.26
C GLU A 435 -17.48 0.43 15.71
N TYR A 436 -16.66 -0.24 16.52
CA TYR A 436 -15.94 -1.43 16.09
C TYR A 436 -16.19 -2.54 17.11
N GLY A 437 -16.84 -3.61 16.66
CA GLY A 437 -17.17 -4.74 17.53
C GLY A 437 -15.94 -5.42 18.11
N GLU A 438 -16.11 -6.04 19.28
CA GLU A 438 -15.02 -6.67 20.01
C GLU A 438 -14.22 -7.69 19.19
N PHE A 439 -14.89 -8.43 18.31
CA PHE A 439 -14.22 -9.43 17.48
C PHE A 439 -14.17 -9.06 16.00
N SER A 440 -14.34 -7.77 15.69
CA SER A 440 -14.32 -7.30 14.30
C SER A 440 -12.91 -7.33 13.68
N ASP A 441 -11.89 -7.45 14.53
CA ASP A 441 -10.50 -7.63 14.09
C ASP A 441 -10.08 -9.08 13.80
N CYS A 442 -10.98 -10.05 14.00
CA CYS A 442 -10.65 -11.44 13.70
C CYS A 442 -10.88 -11.74 12.22
N SER A 443 -10.39 -12.89 11.76
CA SER A 443 -10.52 -13.27 10.35
C SER A 443 -11.99 -13.57 10.02
N VAL A 444 -12.32 -13.54 8.74
CA VAL A 444 -13.72 -13.75 8.31
C VAL A 444 -14.24 -15.13 8.77
N GLU A 445 -13.38 -16.14 8.76
CA GLU A 445 -13.76 -17.50 9.17
C GLU A 445 -13.95 -17.59 10.68
N GLN A 446 -13.09 -16.91 11.43
CA GLN A 446 -13.24 -16.79 12.89
C GLN A 446 -14.53 -16.06 13.26
N LYS A 447 -14.82 -14.97 12.54
CA LYS A 447 -16.06 -14.22 12.75
C LYS A 447 -17.30 -15.08 12.51
N LEU A 448 -17.30 -15.83 11.42
CA LEU A 448 -18.42 -16.71 11.08
C LEU A 448 -18.55 -17.85 12.10
N SER A 449 -17.42 -18.44 12.49
CA SER A 449 -17.39 -19.49 13.52
C SER A 449 -17.97 -19.03 14.86
N LEU A 450 -17.64 -17.80 15.25
CA LEU A 450 -18.19 -17.21 16.48
C LEU A 450 -19.72 -17.18 16.45
N GLN A 451 -20.28 -16.72 15.32
CA GLN A 451 -21.74 -16.61 15.19
C GLN A 451 -22.40 -17.99 15.13
N LEU A 452 -21.77 -18.93 14.41
CA LEU A 452 -22.26 -20.32 14.37
C LEU A 452 -22.28 -20.95 15.76
N SER A 453 -21.21 -20.73 16.52
CA SER A 453 -21.10 -21.22 17.89
C SER A 453 -22.12 -20.59 18.83
N LYS A 454 -22.39 -19.30 18.64
CA LYS A 454 -23.44 -18.60 19.40
C LYS A 454 -24.81 -19.16 19.09
N TYR A 456 -25.30 -22.45 18.11
CA TYR A 456 -25.16 -23.76 18.74
C TYR A 456 -25.50 -23.67 20.24
N CYS A 457 -24.92 -22.68 20.92
CA CYS A 457 -25.17 -22.48 22.35
C CYS A 457 -26.55 -21.88 22.59
N ILE A 459 -29.48 -22.76 20.82
CA ILE A 459 -30.22 -24.01 20.73
C ILE A 459 -30.02 -24.83 22.00
N GLY A 460 -28.76 -25.06 22.36
CA GLY A 460 -28.40 -25.73 23.61
C GLY A 460 -28.68 -27.22 23.66
N ALA A 461 -28.51 -27.89 22.52
CA ALA A 461 -28.71 -29.34 22.43
C ALA A 461 -27.55 -30.11 23.07
N ASN A 462 -26.34 -29.57 22.95
CA ASN A 462 -25.11 -30.18 23.51
C ASN A 462 -24.85 -31.58 22.92
N ASP A 463 -25.06 -31.68 21.62
CA ASP A 463 -24.99 -32.96 20.88
C ASP A 463 -23.94 -32.98 19.77
N ARG A 464 -23.07 -31.96 19.75
CA ARG A 464 -21.99 -31.82 18.76
C ARG A 464 -22.46 -31.65 17.30
N HIS A 465 -23.71 -31.26 17.11
CA HIS A 465 -24.28 -31.05 15.78
C HIS A 465 -24.37 -29.53 15.54
N CYS A 466 -23.45 -29.00 14.74
CA CYS A 466 -23.39 -27.57 14.49
C CYS A 466 -24.51 -27.14 13.54
N PRO A 467 -25.23 -26.05 13.87
CA PRO A 467 -26.47 -25.73 13.16
C PRO A 467 -26.28 -25.00 11.81
N LEU A 468 -25.44 -25.57 10.95
CA LEU A 468 -25.26 -25.08 9.59
C LEU A 468 -24.79 -26.22 8.71
N ASN A 469 -25.54 -26.50 7.64
CA ASN A 469 -25.23 -27.58 6.71
C ASN A 469 -24.26 -27.10 5.64
N ASP A 470 -22.99 -27.42 5.81
CA ASP A 470 -21.93 -27.14 4.83
C ASP A 470 -20.72 -28.01 5.14
N LYS A 471 -20.02 -28.46 4.10
CA LYS A 471 -18.87 -29.36 4.27
C LYS A 471 -17.71 -28.73 5.08
N ASN A 472 -17.60 -27.39 5.02
CA ASN A 472 -16.56 -26.67 5.76
C ASN A 472 -16.83 -26.53 7.27
N VAL A 473 -18.07 -26.77 7.70
CA VAL A 473 -18.44 -26.73 9.12
C VAL A 473 -17.97 -28.01 9.81
N TYR A 474 -17.39 -27.86 11.00
CA TYR A 474 -17.03 -29.02 11.84
C TYR A 474 -17.12 -28.68 13.32
N PHE A 475 -17.42 -29.69 14.14
CA PHE A 475 -17.36 -29.55 15.58
C PHE A 475 -15.91 -29.61 16.03
N ASN A 476 -15.51 -28.65 16.86
CA ASN A 476 -14.15 -28.54 17.36
C ASN A 476 -14.02 -29.30 18.66
N LEU A 477 -13.32 -30.44 18.61
CA LEU A 477 -13.15 -31.30 19.78
C LEU A 477 -12.30 -30.65 20.90
N GLU A 478 -11.46 -29.68 20.54
CA GLU A 478 -10.70 -28.91 21.54
C GLU A 478 -11.60 -28.09 22.49
N SER A 479 -12.79 -27.70 22.03
CA SER A 479 -13.77 -27.00 22.87
C SER A 479 -14.21 -27.79 24.11
N LEU A 480 -14.23 -29.12 23.98
CA LEU A 480 -14.60 -30.01 25.08
C LEU A 480 -13.53 -30.07 26.20
N GLN A 481 -12.28 -29.76 25.87
CA GLN A 481 -11.18 -29.81 26.84
C GLN A 481 -11.27 -28.58 27.76
N PRO A 482 -11.52 -28.79 29.06
CA PRO A 482 -11.80 -27.65 29.95
C PRO A 482 -10.56 -26.90 30.42
N CYS A 489 -7.37 -17.04 28.59
CA CYS A 489 -8.15 -17.39 27.39
C CYS A 489 -9.52 -17.94 27.74
#